data_6MBE
#
_entry.id   6MBE
#
_cell.length_a   80.758
_cell.length_b   80.758
_cell.length_c   57.950
_cell.angle_alpha   90.000
_cell.angle_beta   90.000
_cell.angle_gamma   120.000
#
_symmetry.space_group_name_H-M   'P 32 2 1'
#
loop_
_entity.id
_entity.type
_entity.pdbx_description
1 polymer 'Induced myeloid leukemia cell differentiation protein Mcl-1'
2 polymer dM7
3 non-polymer 'CHLORIDE ION'
4 water water
#
loop_
_entity_poly.entity_id
_entity_poly.type
_entity_poly.pdbx_seq_one_letter_code
_entity_poly.pdbx_strand_id
1 'polypeptide(L)'
;GSDELYRQSLEIISRYLREQATGAKDTKPMGRSGATSRKALETLRRVGDGVQRNHETAFQGMLRKLDIKNEDDVKSLSRV
MIHVFSDGVTNWGRIVTLISFGAFVAKHLKTINQESCIEPLAESITDVLVRTKRDWLVKQRGWDGFVEFFHVED
;
A
2 'polypeptide(L)' (ACE)DKTLEEIARELLKLALEIDKEI(NH2) B
#
# COMPACT_ATOMS: atom_id res chain seq x y z
N GLY A 1 9.96 21.80 2.77
CA GLY A 1 8.92 21.60 3.76
C GLY A 1 9.30 20.60 4.83
N SER A 2 8.49 20.53 5.88
CA SER A 2 8.75 19.63 6.99
C SER A 2 8.24 18.23 6.68
N ASP A 3 9.07 17.24 7.00
CA ASP A 3 8.77 15.82 6.75
C ASP A 3 8.47 15.57 5.26
N GLU A 4 9.52 15.70 4.46
CA GLU A 4 9.38 15.49 3.02
C GLU A 4 9.15 14.02 2.69
N LEU A 5 9.72 13.11 3.46
CA LEU A 5 9.52 11.69 3.20
C LEU A 5 8.05 11.32 3.31
N TYR A 6 7.36 11.80 4.35
CA TYR A 6 5.95 11.50 4.51
C TYR A 6 5.14 12.12 3.38
N ARG A 7 5.40 13.39 3.05
CA ARG A 7 4.67 14.04 1.99
C ARG A 7 4.80 13.28 0.68
N GLN A 8 6.03 12.94 0.29
CA GLN A 8 6.23 12.20 -0.95
C GLN A 8 5.54 10.84 -0.91
N SER A 9 5.68 10.13 0.21
CA SER A 9 5.06 8.81 0.32
C SER A 9 3.55 8.92 0.17
N LEU A 10 2.93 9.90 0.82
CA LEU A 10 1.48 10.07 0.70
C LEU A 10 1.10 10.41 -0.73
N GLU A 11 1.90 11.24 -1.40
CA GLU A 11 1.60 11.61 -2.78
C GLU A 11 1.61 10.37 -3.67
N ILE A 12 2.62 9.51 -3.51
CA ILE A 12 2.70 8.30 -4.32
C ILE A 12 1.55 7.35 -4.00
N ILE A 13 1.32 7.08 -2.73
CA ILE A 13 0.33 6.08 -2.34
C ILE A 13 -1.08 6.59 -2.64
N SER A 14 -1.32 7.88 -2.45
CA SER A 14 -2.64 8.45 -2.78
C SER A 14 -2.98 8.23 -4.25
N ARG A 15 -2.07 8.64 -5.14
CA ARG A 15 -2.36 8.56 -6.57
C ARG A 15 -2.51 7.11 -7.03
N TYR A 16 -1.72 6.20 -6.47
CA TYR A 16 -1.82 4.80 -6.87
C TYR A 16 -3.17 4.22 -6.47
N LEU A 17 -3.58 4.46 -5.23
CA LEU A 17 -4.86 3.93 -4.78
C LEU A 17 -6.02 4.52 -5.57
N ARG A 18 -5.98 5.82 -5.84
CA ARG A 18 -7.06 6.45 -6.58
C ARG A 18 -7.06 5.97 -8.03
N GLU A 19 -5.88 5.85 -8.64
CA GLU A 19 -5.79 5.33 -10.00
C GLU A 19 -6.29 3.90 -10.06
N GLN A 20 -6.00 3.10 -9.03
CA GLN A 20 -6.48 1.73 -8.99
C GLN A 20 -8.00 1.67 -8.87
N ALA A 21 -8.60 2.63 -8.16
CA ALA A 21 -10.04 2.61 -7.95
C ALA A 21 -10.81 3.18 -9.14
N THR A 22 -10.26 4.21 -9.79
CA THR A 22 -10.94 4.84 -10.92
C THR A 22 -10.47 4.29 -12.27
N GLY A 23 -9.33 3.62 -12.31
CA GLY A 23 -8.80 3.13 -13.57
C GLY A 23 -8.24 4.21 -14.48
N ALA A 24 -8.02 5.42 -13.96
CA ALA A 24 -7.53 6.53 -14.74
C ALA A 24 -6.23 7.06 -14.13
N LYS A 25 -5.18 7.12 -14.94
CA LYS A 25 -3.93 7.73 -14.50
C LYS A 25 -4.16 9.19 -14.13
N ASP A 26 -3.55 9.62 -13.03
CA ASP A 26 -3.60 11.02 -12.66
C ASP A 26 -2.67 11.84 -13.53
N THR A 27 -3.06 13.09 -13.80
CA THR A 27 -2.25 14.02 -14.57
C THR A 27 -1.87 15.27 -13.79
N LYS A 28 -2.43 15.47 -12.60
CA LYS A 28 -2.08 16.63 -11.80
C LYS A 28 -0.59 16.60 -11.48
N PRO A 29 0.14 17.69 -11.70
CA PRO A 29 1.57 17.67 -11.42
C PRO A 29 1.88 17.29 -9.98
N MET A 30 2.97 16.56 -9.80
CA MET A 30 3.47 16.22 -8.47
C MET A 30 4.47 17.27 -8.02
N GLY A 31 4.91 17.14 -6.78
CA GLY A 31 5.74 18.14 -6.13
C GLY A 31 7.20 17.75 -6.09
N ARG A 32 7.85 18.09 -4.96
CA ARG A 32 9.27 17.81 -4.80
C ARG A 32 9.56 16.33 -4.97
N SER A 33 10.63 16.04 -5.71
CA SER A 33 11.03 14.66 -6.04
C SER A 33 9.96 13.94 -6.86
N GLY A 34 9.07 14.69 -7.52
CA GLY A 34 8.01 14.07 -8.29
C GLY A 34 8.51 13.19 -9.41
N ALA A 35 9.68 13.52 -9.98
CA ALA A 35 10.25 12.68 -11.02
C ALA A 35 10.47 11.26 -10.51
N THR A 36 11.13 11.13 -9.35
CA THR A 36 11.29 9.83 -8.74
C THR A 36 9.93 9.22 -8.41
N SER A 37 8.98 10.04 -7.95
CA SER A 37 7.66 9.54 -7.59
C SER A 37 6.90 9.04 -8.81
N ARG A 38 7.11 9.66 -9.97
CA ARG A 38 6.49 9.17 -11.20
C ARG A 38 6.98 7.76 -11.51
N LYS A 39 8.29 7.53 -11.40
CA LYS A 39 8.85 6.21 -11.66
C LYS A 39 8.36 5.19 -10.64
N ALA A 40 8.26 5.60 -9.37
CA ALA A 40 7.73 4.69 -8.36
C ALA A 40 6.30 4.30 -8.68
N LEU A 41 5.49 5.26 -9.15
CA LEU A 41 4.11 4.94 -9.54
C LEU A 41 4.09 3.89 -10.64
N GLU A 42 4.87 4.11 -11.70
CA GLU A 42 4.94 3.14 -12.78
C GLU A 42 5.42 1.79 -12.26
N THR A 43 6.37 1.80 -11.33
CA THR A 43 6.82 0.55 -10.70
C THR A 43 5.67 -0.13 -9.97
N LEU A 44 4.85 0.65 -9.26
CA LEU A 44 3.72 0.08 -8.54
C LEU A 44 2.68 -0.49 -9.51
N ARG A 45 2.45 0.20 -10.64
CA ARG A 45 1.50 -0.32 -11.62
C ARG A 45 1.89 -1.72 -12.07
N ARG A 46 3.19 -1.96 -12.25
CA ARG A 46 3.65 -3.26 -12.72
C ARG A 46 3.69 -4.27 -11.58
N VAL A 47 4.40 -3.94 -10.51
CA VAL A 47 4.58 -4.89 -9.42
C VAL A 47 3.28 -5.06 -8.63
N GLY A 48 2.62 -3.95 -8.32
CA GLY A 48 1.40 -4.01 -7.52
C GLY A 48 0.31 -4.82 -8.19
N ASP A 49 0.11 -4.62 -9.48
CA ASP A 49 -0.90 -5.40 -10.20
C ASP A 49 -0.50 -6.87 -10.28
N GLY A 50 0.80 -7.17 -10.40
CA GLY A 50 1.23 -8.55 -10.37
C GLY A 50 0.90 -9.24 -9.06
N VAL A 51 1.06 -8.52 -7.95
CA VAL A 51 0.69 -9.08 -6.64
C VAL A 51 -0.82 -9.27 -6.55
N GLN A 52 -1.59 -8.30 -7.08
CA GLN A 52 -3.03 -8.38 -6.98
C GLN A 52 -3.59 -9.55 -7.76
N ARG A 53 -3.04 -9.84 -8.93
CA ARG A 53 -3.52 -10.96 -9.74
C ARG A 53 -3.21 -12.29 -9.08
N ASN A 54 -1.98 -12.46 -8.58
CA ASN A 54 -1.57 -13.73 -8.01
C ASN A 54 -2.24 -14.04 -6.68
N HIS A 55 -2.82 -13.02 -6.02
CA HIS A 55 -3.33 -13.23 -4.67
C HIS A 55 -4.68 -12.56 -4.47
N GLU A 56 -5.47 -12.42 -5.54
CA GLU A 56 -6.75 -11.73 -5.41
C GLU A 56 -7.70 -12.48 -4.47
N THR A 57 -7.64 -13.82 -4.47
CA THR A 57 -8.52 -14.59 -3.59
C THR A 57 -8.23 -14.27 -2.13
N ALA A 58 -6.94 -14.27 -1.75
CA ALA A 58 -6.59 -13.93 -0.38
C ALA A 58 -7.04 -12.52 -0.04
N PHE A 59 -6.79 -11.56 -0.92
CA PHE A 59 -7.18 -10.17 -0.66
C PHE A 59 -8.70 -10.04 -0.60
N GLN A 60 -9.42 -10.67 -1.53
CA GLN A 60 -10.87 -10.60 -1.50
C GLN A 60 -11.43 -11.25 -0.24
N GLY A 61 -10.81 -12.35 0.20
CA GLY A 61 -11.25 -12.97 1.44
C GLY A 61 -11.13 -12.04 2.63
N MET A 62 -10.14 -11.15 2.61
CA MET A 62 -9.99 -10.18 3.69
C MET A 62 -11.08 -9.12 3.62
N LEU A 63 -11.36 -8.60 2.42
CA LEU A 63 -12.41 -7.60 2.26
C LEU A 63 -13.76 -8.14 2.72
N ARG A 64 -14.06 -9.40 2.37
CA ARG A 64 -15.31 -10.01 2.79
C ARG A 64 -15.46 -9.96 4.30
N LYS A 65 -14.40 -10.34 5.04
CA LYS A 65 -14.48 -10.37 6.49
C LYS A 65 -14.44 -8.96 7.09
N LEU A 66 -13.78 -8.02 6.41
CA LEU A 66 -13.65 -6.68 6.95
C LEU A 66 -14.99 -5.95 6.98
N ASP A 67 -15.69 -5.94 5.87
CA ASP A 67 -17.00 -5.29 5.77
C ASP A 67 -16.92 -3.84 6.26
N ILE A 68 -16.14 -3.05 5.54
CA ILE A 68 -15.97 -1.63 5.83
C ILE A 68 -16.79 -0.83 4.83
N LYS A 69 -17.46 0.21 5.33
CA LYS A 69 -18.31 1.03 4.47
C LYS A 69 -18.17 2.53 4.68
N ASN A 70 -17.44 2.99 5.68
CA ASN A 70 -17.38 4.42 5.98
C ASN A 70 -15.98 4.78 6.48
N GLU A 71 -15.79 6.07 6.75
CA GLU A 71 -14.47 6.59 7.10
C GLU A 71 -13.95 5.96 8.38
N ASP A 72 -14.80 5.81 9.39
CA ASP A 72 -14.35 5.20 10.64
C ASP A 72 -13.74 3.83 10.41
N ASP A 73 -14.42 3.01 9.61
CA ASP A 73 -13.89 1.67 9.33
C ASP A 73 -12.54 1.74 8.63
N VAL A 74 -12.37 2.71 7.73
CA VAL A 74 -11.12 2.84 7.00
C VAL A 74 -9.96 3.07 7.95
N LYS A 75 -10.14 4.00 8.90
CA LYS A 75 -9.09 4.27 9.88
C LYS A 75 -8.87 3.07 10.78
N SER A 76 -9.93 2.35 11.13
CA SER A 76 -9.81 1.18 11.98
C SER A 76 -8.91 0.10 11.37
N LEU A 77 -8.56 0.21 10.09
CA LEU A 77 -7.74 -0.81 9.45
C LEU A 77 -6.28 -0.76 9.86
N SER A 78 -5.83 0.32 10.52
CA SER A 78 -4.43 0.44 10.88
C SER A 78 -3.95 -0.75 11.71
N ARG A 79 -4.83 -1.28 12.56
CA ARG A 79 -4.46 -2.43 13.38
C ARG A 79 -4.13 -3.64 12.51
N VAL A 80 -4.87 -3.81 11.43
CA VAL A 80 -4.59 -4.91 10.51
C VAL A 80 -3.32 -4.63 9.73
N MET A 81 -3.11 -3.37 9.35
CA MET A 81 -2.04 -3.04 8.41
C MET A 81 -0.67 -3.36 8.98
N ILE A 82 -0.48 -3.16 10.29
CA ILE A 82 0.84 -3.32 10.87
C ILE A 82 1.30 -4.77 10.90
N HIS A 83 0.42 -5.72 10.61
CA HIS A 83 0.80 -7.12 10.68
C HIS A 83 1.69 -7.58 9.53
N VAL A 84 1.83 -6.78 8.47
CA VAL A 84 2.80 -7.12 7.44
C VAL A 84 4.22 -7.11 8.01
N PHE A 85 4.41 -6.48 9.16
CA PHE A 85 5.71 -6.41 9.82
C PHE A 85 5.79 -7.32 11.05
N SER A 86 4.75 -8.12 11.29
CA SER A 86 4.60 -8.78 12.60
C SER A 86 5.78 -9.69 12.94
N ASP A 87 6.48 -10.22 11.95
CA ASP A 87 7.53 -11.18 12.21
C ASP A 87 8.90 -10.54 12.37
N GLY A 88 8.99 -9.21 12.42
CA GLY A 88 10.26 -8.54 12.57
C GLY A 88 11.03 -8.33 11.27
N VAL A 89 10.45 -8.69 10.13
CA VAL A 89 11.08 -8.51 8.83
C VAL A 89 10.52 -7.25 8.19
N THR A 90 11.40 -6.46 7.60
CA THR A 90 11.00 -5.29 6.81
C THR A 90 11.71 -5.34 5.47
N ASN A 91 10.94 -5.26 4.39
CA ASN A 91 11.51 -5.22 3.04
C ASN A 91 10.45 -4.64 2.11
N TRP A 92 10.89 -4.29 0.90
CA TRP A 92 9.96 -3.68 -0.04
C TRP A 92 8.79 -4.61 -0.38
N GLY A 93 8.97 -5.91 -0.23
CA GLY A 93 7.86 -6.83 -0.43
C GLY A 93 6.73 -6.57 0.56
N ARG A 94 7.07 -6.40 1.83
CA ARG A 94 6.04 -6.14 2.84
C ARG A 94 5.34 -4.82 2.56
N ILE A 95 6.09 -3.83 2.09
CA ILE A 95 5.52 -2.52 1.78
C ILE A 95 4.60 -2.61 0.57
N VAL A 96 5.01 -3.37 -0.44
CA VAL A 96 4.14 -3.59 -1.59
C VAL A 96 2.92 -4.40 -1.19
N THR A 97 3.09 -5.36 -0.29
CA THR A 97 1.94 -6.10 0.23
C THR A 97 0.95 -5.15 0.90
N LEU A 98 1.46 -4.23 1.72
CA LEU A 98 0.59 -3.29 2.41
C LEU A 98 -0.13 -2.37 1.44
N ILE A 99 0.61 -1.85 0.44
CA ILE A 99 0.00 -0.94 -0.52
C ILE A 99 -0.99 -1.68 -1.40
N SER A 100 -0.71 -2.95 -1.73
CA SER A 100 -1.64 -3.74 -2.52
C SER A 100 -2.94 -3.97 -1.76
N PHE A 101 -2.83 -4.26 -0.46
CA PHE A 101 -4.02 -4.34 0.38
C PHE A 101 -4.82 -3.05 0.29
N GLY A 102 -4.14 -1.90 0.34
CA GLY A 102 -4.84 -0.63 0.19
C GLY A 102 -5.54 -0.53 -1.15
N ALA A 103 -4.90 -1.04 -2.21
CA ALA A 103 -5.51 -0.98 -3.54
C ALA A 103 -6.83 -1.75 -3.57
N PHE A 104 -6.88 -2.93 -2.95
CA PHE A 104 -8.12 -3.70 -2.93
C PHE A 104 -9.21 -2.97 -2.18
N VAL A 105 -8.85 -2.28 -1.10
CA VAL A 105 -9.84 -1.53 -0.34
C VAL A 105 -10.30 -0.32 -1.14
N ALA A 106 -9.37 0.38 -1.79
CA ALA A 106 -9.74 1.56 -2.57
C ALA A 106 -10.71 1.20 -3.68
N LYS A 107 -10.48 0.09 -4.37
CA LYS A 107 -11.41 -0.35 -5.40
C LYS A 107 -12.80 -0.57 -4.82
N HIS A 108 -12.87 -1.14 -3.62
CA HIS A 108 -14.17 -1.37 -2.98
C HIS A 108 -14.86 -0.05 -2.66
N LEU A 109 -14.13 0.89 -2.07
CA LEU A 109 -14.72 2.18 -1.74
C LEU A 109 -15.33 2.85 -2.96
N LYS A 110 -14.66 2.72 -4.11
CA LYS A 110 -15.21 3.28 -5.35
C LYS A 110 -16.59 2.72 -5.64
N THR A 111 -16.77 1.41 -5.50
CA THR A 111 -18.01 0.77 -5.88
C THR A 111 -19.18 1.15 -4.98
N ILE A 112 -18.95 1.84 -3.88
CA ILE A 112 -20.02 2.25 -2.98
C ILE A 112 -19.98 3.75 -2.76
N ASN A 113 -19.45 4.50 -3.72
CA ASN A 113 -19.44 5.96 -3.68
C ASN A 113 -18.74 6.49 -2.42
N GLN A 114 -17.57 5.94 -2.15
CA GLN A 114 -16.75 6.40 -1.03
C GLN A 114 -15.35 6.76 -1.50
N GLU A 115 -15.27 7.37 -2.69
CA GLU A 115 -13.98 7.86 -3.16
C GLU A 115 -13.36 8.82 -2.16
N SER A 116 -14.19 9.57 -1.44
CA SER A 116 -13.67 10.51 -0.45
C SER A 116 -12.89 9.79 0.64
N CYS A 117 -13.20 8.52 0.89
CA CYS A 117 -12.50 7.75 1.91
C CYS A 117 -11.14 7.23 1.44
N ILE A 118 -10.83 7.34 0.16
CA ILE A 118 -9.54 6.85 -0.33
C ILE A 118 -8.40 7.70 0.22
N GLU A 119 -8.62 9.01 0.35
CA GLU A 119 -7.58 9.88 0.87
C GLU A 119 -7.21 9.52 2.31
N PRO A 120 -8.14 9.43 3.26
CA PRO A 120 -7.76 8.97 4.60
C PRO A 120 -7.27 7.53 4.63
N LEU A 121 -7.64 6.70 3.65
CA LEU A 121 -7.06 5.37 3.55
C LEU A 121 -5.57 5.45 3.23
N ALA A 122 -5.21 6.30 2.27
CA ALA A 122 -3.80 6.48 1.93
C ALA A 122 -3.03 7.09 3.10
N GLU A 123 -3.66 7.97 3.87
CA GLU A 123 -2.99 8.53 5.03
C GLU A 123 -2.74 7.47 6.08
N SER A 124 -3.69 6.54 6.26
CA SER A 124 -3.50 5.47 7.23
C SER A 124 -2.35 4.56 6.81
N ILE A 125 -2.29 4.21 5.52
CA ILE A 125 -1.21 3.35 5.03
C ILE A 125 0.13 4.05 5.19
N THR A 126 0.20 5.33 4.80
CA THR A 126 1.45 6.07 4.92
C THR A 126 1.86 6.22 6.38
N ASP A 127 0.89 6.31 7.29
CA ASP A 127 1.20 6.37 8.71
C ASP A 127 1.92 5.11 9.17
N VAL A 128 1.31 3.94 8.90
CA VAL A 128 1.92 2.67 9.29
C VAL A 128 3.32 2.55 8.71
N LEU A 129 3.49 2.98 7.46
CA LEU A 129 4.78 2.80 6.78
C LEU A 129 5.82 3.77 7.32
N VAL A 130 5.50 5.05 7.37
CA VAL A 130 6.49 6.07 7.69
C VAL A 130 6.64 6.27 9.20
N ARG A 131 5.54 6.17 9.96
CA ARG A 131 5.62 6.47 11.38
C ARG A 131 6.27 5.34 12.18
N THR A 132 6.38 4.14 11.61
CA THR A 132 6.99 3.03 12.29
C THR A 132 8.27 2.50 11.64
N LYS A 133 8.51 2.81 10.37
CA LYS A 133 9.66 2.27 9.66
C LYS A 133 10.52 3.36 9.04
N ARG A 134 10.43 4.58 9.56
CA ARG A 134 11.18 5.68 8.97
C ARG A 134 12.66 5.36 8.89
N ASP A 135 13.23 4.87 9.99
CA ASP A 135 14.66 4.56 10.01
C ASP A 135 15.02 3.60 8.88
N TRP A 136 14.21 2.56 8.68
CA TRP A 136 14.47 1.61 7.61
C TRP A 136 14.40 2.28 6.24
N LEU A 137 13.38 3.12 6.02
CA LEU A 137 13.21 3.76 4.73
C LEU A 137 14.39 4.68 4.41
N VAL A 138 14.86 5.44 5.40
CA VAL A 138 15.99 6.32 5.17
C VAL A 138 17.22 5.52 4.80
N LYS A 139 17.53 4.47 5.57
CA LYS A 139 18.67 3.63 5.26
C LYS A 139 18.57 3.00 3.88
N GLN A 140 17.35 2.85 3.35
CA GLN A 140 17.14 2.23 2.05
C GLN A 140 16.96 3.25 0.94
N ARG A 141 17.32 4.51 1.18
CA ARG A 141 17.29 5.57 0.16
C ARG A 141 15.87 5.84 -0.32
N GLY A 142 14.88 5.60 0.55
CA GLY A 142 13.51 5.99 0.25
C GLY A 142 13.02 5.40 -1.06
N TRP A 143 12.27 6.23 -1.80
CA TRP A 143 11.63 5.76 -3.02
C TRP A 143 12.60 5.58 -4.18
N ASP A 144 13.79 6.19 -4.10
CA ASP A 144 14.82 5.88 -5.09
C ASP A 144 15.32 4.46 -4.92
N GLY A 145 15.45 3.99 -3.67
CA GLY A 145 15.80 2.60 -3.45
C GLY A 145 14.68 1.65 -3.84
N PHE A 146 13.43 2.06 -3.59
CA PHE A 146 12.29 1.30 -4.08
C PHE A 146 12.38 1.09 -5.58
N VAL A 147 12.57 2.18 -6.33
CA VAL A 147 12.67 2.06 -7.78
C VAL A 147 13.83 1.15 -8.18
N GLU A 148 14.99 1.34 -7.55
N GLU A 148 14.98 1.36 -7.54
CA GLU A 148 16.14 0.52 -7.90
CA GLU A 148 16.16 0.55 -7.84
C GLU A 148 15.94 -0.93 -7.48
C GLU A 148 15.93 -0.92 -7.48
N PHE A 149 15.18 -1.17 -6.41
CA PHE A 149 14.95 -2.55 -5.98
C PHE A 149 14.22 -3.35 -7.05
N PHE A 150 13.24 -2.75 -7.71
CA PHE A 150 12.42 -3.45 -8.70
C PHE A 150 12.91 -3.25 -10.12
N HIS A 151 14.16 -2.84 -10.31
CA HIS A 151 14.69 -2.64 -11.64
C HIS A 151 14.69 -3.97 -12.41
N VAL A 152 14.06 -3.97 -13.58
CA VAL A 152 13.99 -5.17 -14.42
C VAL A 152 15.11 -5.11 -15.45
N GLU A 153 15.65 -6.30 -15.78
CA GLU A 153 16.73 -6.37 -16.76
C GLU A 153 16.30 -5.75 -18.10
N ASP A 154 15.05 -6.00 -18.50
CA ASP A 154 14.51 -5.43 -19.73
C ASP A 154 15.25 -5.97 -20.95
N ASP B 2 -11.77 -14.86 19.43
CA ASP B 2 -12.31 -15.12 18.07
C ASP B 2 -12.83 -13.83 17.44
N LYS B 3 -11.92 -13.04 16.88
CA LYS B 3 -12.27 -11.80 16.21
C LYS B 3 -11.94 -11.91 14.73
N THR B 4 -12.84 -11.43 13.88
CA THR B 4 -12.58 -11.42 12.45
C THR B 4 -11.37 -10.56 12.13
N LEU B 5 -11.25 -9.41 12.80
CA LEU B 5 -10.12 -8.52 12.54
C LEU B 5 -8.81 -9.18 12.89
N GLU B 6 -8.77 -9.91 14.03
CA GLU B 6 -7.56 -10.62 14.41
C GLU B 6 -7.26 -11.75 13.43
N GLU B 7 -8.30 -12.44 12.95
CA GLU B 7 -8.11 -13.49 11.97
C GLU B 7 -7.56 -12.91 10.66
N ILE B 8 -8.09 -11.77 10.24
CA ILE B 8 -7.62 -11.12 9.02
C ILE B 8 -6.16 -10.72 9.16
N ALA B 9 -5.78 -10.24 10.35
CA ALA B 9 -4.40 -9.82 10.57
C ALA B 9 -3.43 -10.96 10.34
N ARG B 10 -3.77 -12.16 10.82
CA ARG B 10 -2.92 -13.32 10.60
C ARG B 10 -2.83 -13.65 9.11
N GLU B 11 -3.95 -13.52 8.39
CA GLU B 11 -3.95 -13.79 6.96
C GLU B 11 -3.05 -12.80 6.22
N LEU B 12 -3.03 -11.54 6.67
CA LEU B 12 -2.19 -10.55 6.02
C LEU B 12 -0.72 -10.91 6.18
N LEU B 13 -0.33 -11.40 7.36
CA LEU B 13 1.03 -11.86 7.55
C LEU B 13 1.33 -13.05 6.64
N LYS B 14 0.43 -14.04 6.63
N LYS B 14 0.43 -14.04 6.63
CA LYS B 14 0.59 -15.20 5.76
CA LYS B 14 0.62 -15.20 5.76
C LYS B 14 0.80 -14.77 4.32
C LYS B 14 0.80 -14.77 4.32
N LEU B 15 -0.06 -13.87 3.83
CA LEU B 15 0.05 -13.41 2.46
C LEU B 15 1.39 -12.71 2.21
N ALA B 16 1.88 -11.95 3.20
CA ALA B 16 3.15 -11.26 3.03
C ALA B 16 4.29 -12.24 2.88
N LEU B 17 4.25 -13.36 3.62
CA LEU B 17 5.30 -14.36 3.51
C LEU B 17 5.25 -15.08 2.18
N GLU B 18 4.06 -15.26 1.61
CA GLU B 18 3.97 -15.78 0.25
C GLU B 18 4.63 -14.82 -0.74
N ILE B 19 4.41 -13.52 -0.56
CA ILE B 19 4.91 -12.54 -1.49
C ILE B 19 6.42 -12.38 -1.38
N ASP B 20 7.01 -12.71 -0.22
CA ASP B 20 8.46 -12.72 -0.12
C ASP B 20 9.08 -13.67 -1.14
N LYS B 21 8.37 -14.76 -1.48
CA LYS B 21 8.90 -15.72 -2.44
C LYS B 21 8.93 -15.17 -3.86
N GLU B 22 8.21 -14.09 -4.13
CA GLU B 22 8.13 -13.50 -5.46
C GLU B 22 8.97 -12.23 -5.57
N ILE B 23 8.85 -11.33 -4.61
CA ILE B 23 9.59 -10.07 -4.62
C ILE B 23 10.27 -9.82 -3.28
#